data_4H54
#
_entry.id   4H54
#
_cell.length_a   102.593
_cell.length_b   102.593
_cell.length_c   129.156
_cell.angle_alpha   90.00
_cell.angle_beta   90.00
_cell.angle_gamma   120.00
#
_symmetry.space_group_name_H-M   'P 61'
#
loop_
_entity.id
_entity.type
_entity.pdbx_description
1 polymer 'Diguanylate cyclase YdeH'
2 non-polymer 'ZINC ION'
3 non-polymer "GUANOSINE-5'-RP-ALPHA-THIO-TRIPHOSPHATE"
4 non-polymer 'MAGNESIUM ION'
5 non-polymer "9,9'-[(2R,3R,3aS,5S,7aR,9R,10R,10aS,12S,14aR)-3,5,10,12-tetrahydroxy-5,12-dioxidooctahydro-2H,7H-difuro[3,2-d:3',2'-j][1,3,7,9,2,8]tetraoxadiphosphacyclododecine-2,9-diyl]bis(2-amino-1,9-dihydro-6H-purin-6-one)"
#
_entity_poly.entity_id   1
_entity_poly.type   'polypeptide(L)'
_entity_poly.pdbx_seq_one_letter_code
;AIKKTTEIDAILLNLNKAIDAHYQWLVSMFHSVVARDASKPEITDNHSYGLAQFGRWIDHLGPLDNDELPYVRLMDSAHQ
HMHNCGRELMLAIVENHWQDAHFDAFQEGLLSFTAALTDYKIYLLTIRSNMDVLTGLPGRRVLDESFDHQLRNAEPLNLY
LMLLDIDRFKLVNDTYGHLIGDVVLRTLATYLASWTRDYETVYRYGGEEFIIIVKAANDEEACRAGVRICQLVDNHAITH
SEGHINITVTAGVSRAFPEEPLDVVIGRADRAMYEGKQTGRNRCMFIDEQNVINRVLEHHHHHH
;
_entity_poly.pdbx_strand_id   A,B
#
loop_
_chem_comp.id
_chem_comp.type
_chem_comp.name
_chem_comp.formula
C2E non-polymer 9,9'-[(2R,3R,3aS,5S,7aR,9R,10R,10aS,12S,14aR)-3,5,10,12-tetrahydroxy-5,12-dioxidooctahydro-2H,7H-difuro[3,2-d:3',2'-j][1,3,7,9,2,8]tetraoxadiphosphacyclododecine-2,9-diyl]bis(2-amino-1,9-dihydro-6H-purin-6-one) 'C20 H24 N10 O14 P2'
GAV non-polymer GUANOSINE-5'-RP-ALPHA-THIO-TRIPHOSPHATE 'C10 H16 N5 O13 P3 S'
MG non-polymer 'MAGNESIUM ION' 'Mg 2'
ZN non-polymer 'ZINC ION' 'Zn 2'
#
# COMPACT_ATOMS: atom_id res chain seq x y z
N THR A 5 -10.04 8.34 -2.97
CA THR A 5 -9.49 7.12 -3.63
C THR A 5 -10.44 6.63 -4.71
N THR A 6 -11.66 6.30 -4.31
CA THR A 6 -12.72 5.84 -5.21
C THR A 6 -12.64 6.44 -6.62
N GLU A 7 -12.38 7.74 -6.70
CA GLU A 7 -12.24 8.45 -7.98
C GLU A 7 -11.21 7.81 -8.91
N ILE A 8 -10.18 7.21 -8.33
CA ILE A 8 -9.08 6.65 -9.10
C ILE A 8 -9.44 5.29 -9.66
N ASP A 9 -10.02 4.44 -8.82
CA ASP A 9 -10.44 3.11 -9.24
C ASP A 9 -11.40 3.25 -10.43
N ALA A 10 -12.26 4.26 -10.36
CA ALA A 10 -13.17 4.57 -11.46
C ALA A 10 -12.42 4.77 -12.78
N ILE A 11 -11.30 5.47 -12.74
CA ILE A 11 -10.50 5.72 -13.93
C ILE A 11 -9.81 4.45 -14.40
N LEU A 12 -9.06 3.84 -13.50
CA LEU A 12 -8.29 2.64 -13.80
C LEU A 12 -9.19 1.62 -14.48
N LEU A 13 -10.42 1.52 -14.00
CA LEU A 13 -11.43 0.71 -14.66
C LEU A 13 -11.49 1.10 -16.13
N ASN A 14 -11.79 2.37 -16.38
CA ASN A 14 -11.97 2.85 -17.74
C ASN A 14 -10.74 2.75 -18.62
N LEU A 15 -9.56 2.72 -18.00
CA LEU A 15 -8.34 2.46 -18.75
C LEU A 15 -8.32 1.03 -19.23
N ASN A 16 -8.58 0.10 -18.31
CA ASN A 16 -8.65 -1.31 -18.68
C ASN A 16 -9.78 -1.62 -19.64
N LYS A 17 -10.86 -0.84 -19.57
CA LYS A 17 -11.95 -0.96 -20.52
C LYS A 17 -11.49 -0.67 -21.95
N ALA A 18 -10.56 0.28 -22.08
CA ALA A 18 -10.00 0.63 -23.38
C ALA A 18 -9.16 -0.50 -23.97
N ILE A 19 -8.39 -1.16 -23.11
CA ILE A 19 -7.53 -2.27 -23.55
C ILE A 19 -8.37 -3.31 -24.23
N ASP A 20 -9.44 -3.73 -23.55
CA ASP A 20 -10.37 -4.71 -24.10
C ASP A 20 -11.02 -4.17 -25.37
N ALA A 21 -11.51 -2.94 -25.31
CA ALA A 21 -12.16 -2.31 -26.46
C ALA A 21 -11.28 -2.31 -27.70
N HIS A 22 -9.99 -2.04 -27.51
CA HIS A 22 -9.06 -1.96 -28.63
C HIS A 22 -8.52 -3.29 -29.06
N TYR A 23 -8.70 -4.32 -28.24
CA TYR A 23 -8.48 -5.70 -28.72
C TYR A 23 -9.56 -6.01 -29.74
N GLN A 24 -10.81 -5.80 -29.32
CA GLN A 24 -11.96 -6.06 -30.19
C GLN A 24 -11.77 -5.37 -31.53
N TRP A 25 -11.39 -4.10 -31.46
CA TRP A 25 -11.14 -3.28 -32.65
C TRP A 25 -10.21 -3.97 -33.61
N LEU A 26 -9.13 -4.50 -33.07
CA LEU A 26 -8.13 -5.16 -33.90
C LEU A 26 -8.71 -6.43 -34.53
N VAL A 27 -9.46 -7.19 -33.73
CA VAL A 27 -10.14 -8.39 -34.24
C VAL A 27 -11.06 -8.06 -35.40
N SER A 28 -11.81 -6.98 -35.27
CA SER A 28 -12.72 -6.54 -36.32
C SER A 28 -11.98 -6.24 -37.61
N MET A 29 -10.89 -5.52 -37.52
CA MET A 29 -10.08 -5.23 -38.71
C MET A 29 -9.64 -6.53 -39.38
N PHE A 30 -9.21 -7.50 -38.58
CA PHE A 30 -8.77 -8.79 -39.07
C PHE A 30 -9.93 -9.57 -39.68
N HIS A 31 -11.07 -9.53 -39.00
CA HIS A 31 -12.28 -10.16 -39.48
C HIS A 31 -12.63 -9.59 -40.82
N SER A 32 -12.85 -8.28 -40.86
CA SER A 32 -13.32 -7.59 -42.04
C SER A 32 -12.47 -7.87 -43.27
N VAL A 33 -11.15 -7.92 -43.08
CA VAL A 33 -10.22 -8.17 -44.18
C VAL A 33 -10.42 -9.57 -44.76
N VAL A 34 -10.63 -10.56 -43.89
CA VAL A 34 -10.89 -11.93 -44.33
C VAL A 34 -12.20 -11.98 -45.11
N ALA A 35 -13.18 -11.20 -44.67
CA ALA A 35 -14.37 -10.92 -45.49
C ALA A 35 -13.97 -10.08 -46.70
N PHE A 54 -13.33 5.33 -25.71
CA PHE A 54 -12.15 6.05 -25.22
C PHE A 54 -12.08 7.47 -25.78
N GLY A 55 -12.22 7.59 -27.11
CA GLY A 55 -12.25 8.89 -27.78
C GLY A 55 -13.31 9.81 -27.17
N ARG A 56 -14.43 9.22 -26.76
CA ARG A 56 -15.52 9.94 -26.10
C ARG A 56 -15.26 10.17 -24.61
N TRP A 57 -14.71 9.17 -23.93
CA TRP A 57 -14.44 9.26 -22.47
C TRP A 57 -13.38 10.30 -22.11
N ILE A 58 -12.37 10.47 -22.98
CA ILE A 58 -11.22 11.38 -22.75
C ILE A 58 -11.63 12.83 -22.54
N ASP A 59 -12.59 13.28 -23.34
CA ASP A 59 -13.14 14.62 -23.21
C ASP A 59 -14.12 14.71 -22.02
N HIS A 60 -14.59 13.55 -21.55
CA HIS A 60 -15.48 13.47 -20.37
C HIS A 60 -14.76 13.14 -19.08
N LEU A 61 -13.57 13.70 -18.89
CA LEU A 61 -12.85 13.63 -17.60
C LEU A 61 -12.98 14.95 -16.83
N GLY A 62 -13.26 16.03 -17.56
CA GLY A 62 -13.42 17.36 -16.96
C GLY A 62 -12.06 17.96 -16.66
N PRO A 63 -11.60 18.93 -17.48
CA PRO A 63 -10.28 19.54 -17.30
C PRO A 63 -9.72 19.41 -15.87
N LEU A 64 -8.65 18.65 -15.74
CA LEU A 64 -8.05 18.36 -14.45
C LEU A 64 -7.05 19.46 -14.06
N ASP A 65 -5.97 19.10 -13.39
CA ASP A 65 -4.96 20.06 -12.96
C ASP A 65 -3.66 19.90 -13.78
N ASN A 66 -2.68 20.76 -13.53
CA ASN A 66 -1.43 20.78 -14.29
C ASN A 66 -0.51 19.58 -14.05
N ASP A 67 -0.70 18.86 -12.94
CA ASP A 67 0.08 17.66 -12.66
C ASP A 67 -0.22 16.55 -13.69
N GLU A 68 -1.51 16.24 -13.87
CA GLU A 68 -1.95 15.08 -14.69
C GLU A 68 -2.31 15.43 -16.15
N LEU A 69 -2.30 16.73 -16.49
CA LEU A 69 -2.56 17.16 -17.86
C LEU A 69 -1.62 16.48 -18.87
N PRO A 70 -0.30 16.47 -18.59
CA PRO A 70 0.63 15.86 -19.55
C PRO A 70 0.32 14.40 -19.89
N TYR A 71 -0.07 13.61 -18.87
CA TYR A 71 -0.33 12.18 -19.07
C TYR A 71 -1.51 11.94 -19.99
N VAL A 72 -2.54 12.77 -19.87
CA VAL A 72 -3.72 12.61 -20.70
C VAL A 72 -3.45 13.10 -22.12
N ARG A 73 -2.80 14.26 -22.24
CA ARG A 73 -2.38 14.77 -23.55
C ARG A 73 -1.57 13.70 -24.27
N LEU A 74 -0.60 13.10 -23.57
CA LEU A 74 0.27 12.07 -24.13
C LEU A 74 -0.55 10.95 -24.76
N MET A 75 -1.40 10.32 -23.94
CA MET A 75 -2.16 9.16 -24.42
C MET A 75 -3.23 9.55 -25.44
N ASP A 76 -3.81 10.73 -25.29
CA ASP A 76 -4.70 11.25 -26.33
C ASP A 76 -3.97 11.31 -27.67
N SER A 77 -2.75 11.85 -27.66
CA SER A 77 -1.92 11.93 -28.86
C SER A 77 -1.62 10.54 -29.41
N ALA A 78 -1.25 9.63 -28.51
CA ALA A 78 -0.95 8.25 -28.88
C ALA A 78 -2.14 7.57 -29.52
N HIS A 79 -3.30 7.71 -28.88
CA HIS A 79 -4.55 7.12 -29.36
C HIS A 79 -4.83 7.54 -30.77
N GLN A 80 -4.81 8.85 -31.01
CA GLN A 80 -5.00 9.36 -32.37
C GLN A 80 -4.08 8.62 -33.32
N HIS A 81 -2.79 8.74 -33.08
CA HIS A 81 -1.79 8.20 -33.98
C HIS A 81 -1.98 6.74 -34.27
N MET A 82 -2.36 5.99 -33.24
CA MET A 82 -2.61 4.56 -33.38
C MET A 82 -3.66 4.30 -34.44
N HIS A 83 -4.82 4.93 -34.29
CA HIS A 83 -5.91 4.78 -35.24
C HIS A 83 -5.52 5.22 -36.63
N ASN A 84 -4.70 6.26 -36.72
CA ASN A 84 -4.22 6.74 -38.02
C ASN A 84 -3.51 5.64 -38.78
N CYS A 85 -2.65 4.91 -38.09
CA CYS A 85 -1.94 3.79 -38.70
C CYS A 85 -2.91 2.73 -39.14
N GLY A 86 -3.91 2.46 -38.32
CA GLY A 86 -4.92 1.47 -38.63
C GLY A 86 -5.66 1.80 -39.92
N ARG A 87 -6.04 3.06 -40.07
CA ARG A 87 -6.69 3.53 -41.28
C ARG A 87 -5.76 3.37 -42.48
N GLU A 88 -4.55 3.89 -42.35
CA GLU A 88 -3.52 3.77 -43.38
C GLU A 88 -3.28 2.32 -43.75
N LEU A 89 -3.17 1.47 -42.73
CA LEU A 89 -2.98 0.04 -42.93
C LEU A 89 -4.12 -0.56 -43.72
N MET A 90 -5.34 -0.35 -43.26
CA MET A 90 -6.53 -0.91 -43.90
C MET A 90 -6.62 -0.49 -45.36
N LEU A 91 -6.44 0.80 -45.62
CA LEU A 91 -6.52 1.35 -46.98
C LEU A 91 -5.50 0.67 -47.89
N ALA A 92 -4.29 0.48 -47.38
CA ALA A 92 -3.21 -0.15 -48.15
C ALA A 92 -3.52 -1.61 -48.48
N ILE A 93 -4.10 -2.32 -47.53
CA ILE A 93 -4.44 -3.74 -47.70
C ILE A 93 -5.49 -3.91 -48.78
N VAL A 94 -6.50 -3.04 -48.76
CA VAL A 94 -7.61 -3.12 -49.70
C VAL A 94 -7.17 -2.78 -51.12
N GLU A 95 -6.48 -1.65 -51.27
CA GLU A 95 -6.07 -1.15 -52.59
C GLU A 95 -4.88 -1.90 -53.21
N ASN A 96 -4.45 -3.00 -52.58
CA ASN A 96 -3.36 -3.83 -53.07
C ASN A 96 -2.07 -3.04 -53.32
N HIS A 97 -1.62 -2.34 -52.27
CA HIS A 97 -0.26 -1.79 -52.22
C HIS A 97 0.22 -1.66 -50.80
N TRP A 98 0.02 -2.73 -50.03
CA TRP A 98 0.46 -2.79 -48.63
C TRP A 98 1.86 -3.33 -48.55
N GLN A 99 2.54 -3.01 -47.44
CA GLN A 99 3.94 -3.41 -47.23
C GLN A 99 4.15 -3.73 -45.76
N ASP A 100 5.10 -4.62 -45.48
CA ASP A 100 5.44 -4.98 -44.11
C ASP A 100 5.58 -3.77 -43.21
N ALA A 101 6.09 -2.68 -43.76
CA ALA A 101 6.19 -1.42 -43.05
C ALA A 101 4.86 -1.02 -42.41
N HIS A 102 3.76 -1.22 -43.13
CA HIS A 102 2.45 -0.79 -42.66
C HIS A 102 2.02 -1.46 -41.38
N PHE A 103 2.32 -2.74 -41.26
CA PHE A 103 2.02 -3.49 -40.03
C PHE A 103 2.93 -3.09 -38.88
N ASP A 104 4.22 -2.97 -39.18
CA ASP A 104 5.22 -2.59 -38.17
C ASP A 104 4.94 -1.20 -37.63
N ALA A 105 4.50 -0.31 -38.52
CA ALA A 105 4.14 1.06 -38.13
C ALA A 105 2.93 1.07 -37.21
N PHE A 106 1.94 0.25 -37.56
CA PHE A 106 0.72 0.11 -36.76
C PHE A 106 1.04 -0.42 -35.37
N GLN A 107 1.86 -1.46 -35.34
CA GLN A 107 2.29 -2.08 -34.08
C GLN A 107 3.10 -1.10 -33.23
N GLU A 108 3.95 -0.30 -33.88
CA GLU A 108 4.71 0.74 -33.20
C GLU A 108 3.76 1.67 -32.45
N GLY A 109 2.75 2.16 -33.17
CA GLY A 109 1.76 3.07 -32.60
C GLY A 109 0.88 2.43 -31.54
N LEU A 110 0.59 1.15 -31.73
CA LEU A 110 -0.24 0.40 -30.78
C LEU A 110 0.48 0.20 -29.46
N LEU A 111 1.76 -0.14 -29.52
CA LEU A 111 2.58 -0.26 -28.31
C LEU A 111 2.84 1.11 -27.69
N SER A 112 2.97 2.14 -28.51
CA SER A 112 3.11 3.50 -28.02
C SER A 112 1.88 3.89 -27.21
N PHE A 113 0.70 3.48 -27.69
CA PHE A 113 -0.54 3.71 -26.97
C PHE A 113 -0.55 3.00 -25.62
N THR A 114 -0.28 1.69 -25.64
CA THR A 114 -0.25 0.89 -24.41
C THR A 114 0.86 1.32 -23.44
N ALA A 115 1.88 1.99 -23.96
CA ALA A 115 2.87 2.64 -23.12
C ALA A 115 2.22 3.85 -22.43
N ALA A 116 1.63 4.72 -23.24
CA ALA A 116 1.02 5.96 -22.75
C ALA A 116 0.06 5.74 -21.59
N LEU A 117 -0.79 4.72 -21.70
CA LEU A 117 -1.66 4.34 -20.61
C LEU A 117 -0.84 3.97 -19.40
N THR A 118 0.05 2.99 -19.60
CA THR A 118 0.87 2.48 -18.51
C THR A 118 1.51 3.62 -17.70
N ASP A 119 2.10 4.58 -18.39
CA ASP A 119 2.69 5.74 -17.71
C ASP A 119 1.65 6.38 -16.82
N TYR A 120 0.49 6.67 -17.41
CA TYR A 120 -0.59 7.30 -16.67
C TYR A 120 -0.98 6.47 -15.47
N LYS A 121 -1.17 5.18 -15.70
CA LYS A 121 -1.50 4.24 -14.63
C LYS A 121 -0.55 4.42 -13.46
N ILE A 122 0.73 4.22 -13.71
CA ILE A 122 1.75 4.29 -12.66
C ILE A 122 1.56 5.56 -11.86
N TYR A 123 1.63 6.69 -12.56
CA TYR A 123 1.51 8.00 -11.93
C TYR A 123 0.40 8.00 -10.91
N LEU A 124 -0.78 7.54 -11.33
CA LEU A 124 -1.95 7.51 -10.46
C LEU A 124 -1.63 6.69 -9.23
N LEU A 125 -1.28 5.42 -9.44
CA LEU A 125 -1.01 4.50 -8.34
C LEU A 125 -0.05 5.10 -7.35
N THR A 126 1.07 5.61 -7.85
CA THR A 126 2.09 6.20 -7.00
C THR A 126 1.44 7.31 -6.18
N ILE A 127 1.00 8.36 -6.86
CA ILE A 127 0.32 9.48 -6.19
C ILE A 127 -0.72 8.99 -5.18
N ARG A 128 -1.36 7.87 -5.47
CA ARG A 128 -2.50 7.41 -4.70
C ARG A 128 -2.17 6.26 -3.76
N SER A 129 -0.95 5.74 -3.84
CA SER A 129 -0.50 4.83 -2.81
C SER A 129 -0.33 5.62 -1.52
N ASN A 130 0.16 6.86 -1.62
CA ASN A 130 0.50 7.62 -0.40
C ASN A 130 -0.72 8.19 0.34
N MET A 131 -1.94 7.97 -0.17
CA MET A 131 -3.14 8.25 0.62
C MET A 131 -3.47 7.06 1.50
N ASP A 132 -3.62 7.34 2.80
CA ASP A 132 -3.88 6.29 3.79
C ASP A 132 -5.18 5.54 3.52
N VAL A 133 -5.04 4.24 3.31
CA VAL A 133 -6.16 3.37 2.95
C VAL A 133 -7.24 3.40 4.03
N LEU A 134 -6.81 3.23 5.26
CA LEU A 134 -7.70 3.07 6.40
C LEU A 134 -8.56 4.29 6.64
N THR A 135 -7.91 5.44 6.81
CA THR A 135 -8.58 6.66 7.20
C THR A 135 -9.04 7.48 6.02
N GLY A 136 -8.27 7.44 4.93
CA GLY A 136 -8.52 8.31 3.79
C GLY A 136 -7.91 9.69 3.97
N LEU A 137 -7.04 9.84 4.97
CA LEU A 137 -6.26 11.07 5.13
C LEU A 137 -4.96 10.89 4.37
N PRO A 138 -4.27 11.99 4.06
CA PRO A 138 -2.94 11.84 3.46
C PRO A 138 -1.96 11.18 4.43
N GLY A 139 -1.00 10.45 3.87
CA GLY A 139 -0.01 9.75 4.68
C GLY A 139 1.23 10.59 4.91
N ARG A 140 2.05 10.16 5.87
CA ARG A 140 3.32 10.83 6.20
C ARG A 140 4.08 11.29 4.96
N ARG A 141 4.12 10.41 3.95
CA ARG A 141 4.94 10.64 2.77
C ARG A 141 4.51 11.90 2.03
N VAL A 142 3.20 12.10 1.92
CA VAL A 142 2.66 13.34 1.34
C VAL A 142 3.25 14.57 2.01
N LEU A 143 3.19 14.58 3.35
CA LEU A 143 3.74 15.66 4.17
C LEU A 143 5.23 15.81 3.94
N ASP A 144 5.97 14.71 4.08
CA ASP A 144 7.42 14.71 3.85
C ASP A 144 7.78 15.51 2.60
N GLU A 145 7.09 15.20 1.51
CA GLU A 145 7.38 15.76 0.19
C GLU A 145 6.93 17.21 0.02
N SER A 146 5.91 17.60 0.77
CA SER A 146 5.32 18.93 0.60
C SER A 146 5.71 19.93 1.68
N PHE A 147 6.34 19.47 2.76
CA PHE A 147 6.57 20.33 3.91
C PHE A 147 7.44 21.54 3.59
N ASP A 148 8.62 21.30 3.03
CA ASP A 148 9.55 22.37 2.66
C ASP A 148 8.84 23.49 1.90
N HIS A 149 7.92 23.10 1.00
CA HIS A 149 7.11 24.03 0.23
C HIS A 149 6.14 24.79 1.11
N GLN A 150 5.43 24.07 1.97
CA GLN A 150 4.40 24.68 2.84
C GLN A 150 4.97 25.75 3.78
N LEU A 151 6.19 25.50 4.26
CA LEU A 151 6.90 26.43 5.13
C LEU A 151 7.25 27.72 4.40
N ARG A 152 7.76 27.56 3.17
CA ARG A 152 8.14 28.72 2.34
C ARG A 152 6.94 29.63 2.07
N ASN A 153 5.79 29.04 1.72
CA ASN A 153 4.59 29.82 1.38
C ASN A 153 3.75 30.28 2.57
N ALA A 154 4.23 30.02 3.80
CA ALA A 154 3.50 30.39 5.01
C ALA A 154 3.47 31.89 5.24
N GLU A 155 4.56 32.57 4.88
CA GLU A 155 4.64 34.02 5.02
C GLU A 155 3.42 34.71 4.40
N PRO A 156 3.02 35.86 4.96
CA PRO A 156 3.63 36.54 6.11
C PRO A 156 3.33 35.83 7.43
N LEU A 157 2.42 34.86 7.39
CA LEU A 157 1.98 34.14 8.59
C LEU A 157 3.07 33.17 9.08
N ASN A 158 2.89 32.72 10.32
CA ASN A 158 3.74 31.69 10.93
C ASN A 158 3.11 30.32 10.71
N LEU A 159 3.95 29.29 10.54
CA LEU A 159 3.46 27.92 10.41
C LEU A 159 3.69 27.15 11.69
N TYR A 160 2.72 26.30 12.05
CA TYR A 160 2.82 25.43 13.21
C TYR A 160 2.43 24.01 12.86
N LEU A 161 3.08 23.06 13.52
CA LEU A 161 2.78 21.66 13.35
C LEU A 161 2.15 21.17 14.64
N MET A 162 1.04 20.47 14.50
CA MET A 162 0.35 19.91 15.65
C MET A 162 0.32 18.40 15.56
N LEU A 163 0.97 17.76 16.52
CA LEU A 163 1.02 16.33 16.61
C LEU A 163 -0.01 15.86 17.63
N LEU A 164 -0.88 14.92 17.21
CA LEU A 164 -1.88 14.34 18.11
C LEU A 164 -1.67 12.84 18.19
N ASP A 165 -1.76 12.30 19.38
CA ASP A 165 -1.56 10.88 19.60
C ASP A 165 -2.65 10.37 20.53
N ILE A 166 -3.45 9.42 20.05
CA ILE A 166 -4.60 8.93 20.82
C ILE A 166 -4.10 8.41 22.16
N ASP A 167 -4.86 8.65 23.21
CA ASP A 167 -4.46 8.28 24.56
C ASP A 167 -4.93 6.87 24.88
N ARG A 168 -4.01 6.03 25.36
CA ARG A 168 -4.28 4.63 25.70
C ARG A 168 -5.12 3.91 24.64
N PHE A 169 -4.75 4.05 23.38
CA PHE A 169 -5.47 3.40 22.30
C PHE A 169 -5.27 1.89 22.31
N LYS A 170 -4.10 1.42 22.78
CA LYS A 170 -3.86 0.00 22.94
C LYS A 170 -4.96 -0.64 23.77
N LEU A 171 -5.33 0.03 24.86
CA LEU A 171 -6.42 -0.42 25.72
C LEU A 171 -7.65 -0.67 24.87
N VAL A 172 -7.99 0.30 24.05
CA VAL A 172 -9.18 0.22 23.24
C VAL A 172 -9.11 -1.01 22.33
N ASN A 173 -7.94 -1.27 21.75
CA ASN A 173 -7.76 -2.47 20.94
C ASN A 173 -7.88 -3.71 21.80
N ASP A 174 -7.19 -3.69 22.93
CA ASP A 174 -7.22 -4.82 23.85
C ASP A 174 -8.63 -5.11 24.34
N THR A 175 -9.41 -4.05 24.54
CA THR A 175 -10.77 -4.18 25.09
C THR A 175 -11.79 -4.66 24.06
N TYR A 176 -11.87 -3.97 22.92
CA TYR A 176 -12.93 -4.19 21.94
C TYR A 176 -12.51 -4.99 20.70
N GLY A 177 -11.21 -5.08 20.45
CA GLY A 177 -10.69 -5.73 19.25
C GLY A 177 -10.18 -4.72 18.25
N HIS A 178 -9.54 -5.21 17.19
CA HIS A 178 -8.89 -4.32 16.20
C HIS A 178 -9.83 -3.70 15.23
N LEU A 179 -10.84 -4.47 14.81
CA LEU A 179 -11.88 -3.91 13.96
C LEU A 179 -12.41 -2.63 14.58
N ILE A 180 -12.84 -2.71 15.83
CA ILE A 180 -13.39 -1.55 16.52
C ILE A 180 -12.36 -0.43 16.51
N GLY A 181 -11.12 -0.77 16.86
CA GLY A 181 -10.01 0.17 16.83
C GLY A 181 -9.91 0.83 15.47
N ASP A 182 -10.04 0.03 14.42
CA ASP A 182 -10.01 0.56 13.06
C ASP A 182 -11.12 1.59 12.83
N VAL A 183 -12.30 1.35 13.38
CA VAL A 183 -13.41 2.31 13.23
C VAL A 183 -13.05 3.63 13.87
N VAL A 184 -12.57 3.56 15.11
CA VAL A 184 -12.21 4.76 15.86
C VAL A 184 -11.29 5.66 15.04
N LEU A 185 -10.25 5.07 14.46
CA LEU A 185 -9.32 5.82 13.64
C LEU A 185 -10.03 6.44 12.43
N ARG A 186 -10.81 5.65 11.71
CA ARG A 186 -11.59 6.16 10.59
C ARG A 186 -12.41 7.36 11.03
N THR A 187 -13.19 7.17 12.09
CA THR A 187 -14.05 8.20 12.60
C THR A 187 -13.23 9.42 12.99
N LEU A 188 -12.26 9.21 13.88
CA LEU A 188 -11.43 10.32 14.36
C LEU A 188 -10.84 11.08 13.19
N ALA A 189 -10.32 10.34 12.21
CA ALA A 189 -9.82 10.94 10.98
C ALA A 189 -10.89 11.85 10.39
N THR A 190 -12.07 11.29 10.15
CA THR A 190 -13.18 12.03 9.53
C THR A 190 -13.51 13.30 10.32
N TYR A 191 -13.67 13.16 11.63
CA TYR A 191 -13.94 14.29 12.52
C TYR A 191 -12.87 15.35 12.38
N LEU A 192 -11.61 14.95 12.49
CA LEU A 192 -10.50 15.89 12.44
C LEU A 192 -10.49 16.62 11.11
N ALA A 193 -10.80 15.92 10.03
CA ALA A 193 -10.84 16.52 8.69
C ALA A 193 -11.92 17.59 8.62
N SER A 194 -13.06 17.31 9.25
CA SER A 194 -14.19 18.24 9.31
C SER A 194 -13.91 19.43 10.22
N TRP A 195 -13.20 19.19 11.31
CA TRP A 195 -12.94 20.23 12.29
C TRP A 195 -11.83 21.16 11.90
N THR A 196 -11.03 20.79 10.90
CA THR A 196 -9.90 21.62 10.46
C THR A 196 -10.27 22.46 9.25
N ARG A 197 -9.50 23.51 9.02
CA ARG A 197 -9.71 24.39 7.87
C ARG A 197 -9.20 23.70 6.60
N ASP A 198 -9.57 24.22 5.42
CA ASP A 198 -9.20 23.61 4.14
C ASP A 198 -7.70 23.69 3.94
N TYR A 199 -7.17 24.90 4.10
CA TYR A 199 -5.74 25.17 3.88
C TYR A 199 -4.83 24.46 4.90
N GLU A 200 -5.40 24.07 6.04
CA GLU A 200 -4.66 23.32 7.06
C GLU A 200 -4.97 21.84 6.93
N THR A 201 -3.96 21.07 6.56
CA THR A 201 -4.15 19.69 6.18
C THR A 201 -3.90 18.76 7.36
N VAL A 202 -4.77 17.77 7.48
CA VAL A 202 -4.66 16.70 8.45
C VAL A 202 -4.05 15.49 7.78
N TYR A 203 -3.00 14.95 8.39
CA TYR A 203 -2.30 13.80 7.86
C TYR A 203 -2.33 12.68 8.86
N ARG A 204 -2.53 11.45 8.39
CA ARG A 204 -2.21 10.30 9.23
C ARG A 204 -0.71 10.13 9.14
N TYR A 205 -0.02 10.55 10.19
CA TYR A 205 1.43 10.44 10.26
C TYR A 205 1.82 9.03 10.68
N GLY A 206 1.14 8.51 11.69
CA GLY A 206 1.45 7.19 12.25
C GLY A 206 0.20 6.38 12.55
N GLY A 207 0.38 5.30 13.30
CA GLY A 207 -0.71 4.38 13.61
C GLY A 207 -1.83 5.09 14.35
N GLU A 208 -1.48 5.71 15.46
CA GLU A 208 -2.42 6.45 16.27
C GLU A 208 -2.05 7.94 16.26
N GLU A 209 -1.19 8.34 15.33
CA GLU A 209 -0.59 9.67 15.37
C GLU A 209 -1.02 10.51 14.17
N PHE A 210 -1.52 11.72 14.46
CA PHE A 210 -1.94 12.66 13.42
C PHE A 210 -1.19 13.96 13.49
N ILE A 211 -1.05 14.59 12.33
CA ILE A 211 -0.40 15.88 12.23
C ILE A 211 -1.32 16.84 11.50
N ILE A 212 -1.46 18.03 12.07
CA ILE A 212 -2.17 19.11 11.42
C ILE A 212 -1.23 20.30 11.24
N ILE A 213 -1.12 20.79 10.01
CA ILE A 213 -0.28 21.93 9.71
C ILE A 213 -1.14 23.18 9.81
N VAL A 214 -0.90 23.96 10.86
CA VAL A 214 -1.67 25.16 11.11
C VAL A 214 -0.88 26.37 10.66
N LYS A 215 -1.58 27.35 10.08
CA LYS A 215 -1.00 28.64 9.73
C LYS A 215 -1.72 29.74 10.52
N ALA A 216 -0.95 30.52 11.29
CA ALA A 216 -1.51 31.57 12.17
C ALA A 216 -0.56 32.78 12.32
N ALA A 217 -1.07 33.80 12.98
CA ALA A 217 -0.34 35.06 13.15
C ALA A 217 0.61 35.04 14.35
N ASN A 218 0.27 34.28 15.37
CA ASN A 218 1.10 34.19 16.57
C ASN A 218 0.90 32.86 17.29
N ASP A 219 1.76 32.61 18.27
CA ASP A 219 1.76 31.34 18.98
C ASP A 219 0.45 31.12 19.72
N GLU A 220 -0.15 32.18 20.22
CA GLU A 220 -1.40 32.07 20.98
C GLU A 220 -2.52 31.56 20.09
N GLU A 221 -2.59 32.09 18.87
CA GLU A 221 -3.59 31.66 17.88
C GLU A 221 -3.46 30.18 17.56
N ALA A 222 -2.22 29.75 17.35
CA ALA A 222 -1.94 28.34 17.08
C ALA A 222 -2.45 27.46 18.22
N CYS A 223 -2.09 27.83 19.46
CA CYS A 223 -2.46 27.07 20.65
C CYS A 223 -3.96 26.91 20.81
N ARG A 224 -4.69 27.96 20.47
CA ARG A 224 -6.15 27.94 20.53
C ARG A 224 -6.67 26.84 19.60
N ALA A 225 -6.24 26.89 18.34
CA ALA A 225 -6.56 25.84 17.37
C ALA A 225 -6.24 24.47 17.95
N GLY A 226 -5.05 24.35 18.51
CA GLY A 226 -4.62 23.11 19.14
C GLY A 226 -5.58 22.66 20.22
N VAL A 227 -5.71 23.46 21.27
CA VAL A 227 -6.51 23.08 22.43
C VAL A 227 -7.98 22.78 22.08
N ARG A 228 -8.53 23.50 21.10
CA ARG A 228 -9.93 23.31 20.75
C ARG A 228 -10.16 21.97 20.09
N ILE A 229 -9.23 21.55 19.24
CA ILE A 229 -9.36 20.26 18.59
C ILE A 229 -9.43 19.16 19.65
N CYS A 230 -8.56 19.25 20.65
CA CYS A 230 -8.49 18.27 21.73
C CYS A 230 -9.81 18.16 22.48
N GLN A 231 -10.45 19.31 22.71
CA GLN A 231 -11.77 19.34 23.32
C GLN A 231 -12.74 18.60 22.45
N LEU A 232 -12.78 18.95 21.17
CA LEU A 232 -13.72 18.34 20.24
C LEU A 232 -13.58 16.83 20.27
N VAL A 233 -12.35 16.35 20.18
CA VAL A 233 -12.11 14.91 20.26
C VAL A 233 -12.71 14.37 21.55
N ASP A 234 -12.47 15.06 22.65
CA ASP A 234 -13.02 14.67 23.94
C ASP A 234 -14.55 14.75 23.92
N ASN A 235 -15.08 15.81 23.32
CA ASN A 235 -16.50 16.09 23.36
C ASN A 235 -17.35 15.30 22.37
N HIS A 236 -16.72 14.43 21.57
CA HIS A 236 -17.44 13.64 20.59
C HIS A 236 -17.09 12.18 20.66
N ALA A 237 -17.97 11.39 21.25
CA ALA A 237 -17.80 9.95 21.34
C ALA A 237 -17.86 9.32 19.96
N ILE A 238 -17.25 8.16 19.81
CA ILE A 238 -17.19 7.47 18.52
C ILE A 238 -18.17 6.29 18.52
N THR A 239 -19.15 6.35 17.64
CA THR A 239 -20.20 5.32 17.59
C THR A 239 -19.70 4.08 16.89
N HIS A 240 -20.13 2.92 17.38
CA HIS A 240 -19.90 1.67 16.68
C HIS A 240 -21.10 0.78 16.78
N SER A 241 -21.12 -0.26 15.95
CA SER A 241 -22.20 -1.22 15.93
C SER A 241 -22.71 -1.53 17.33
N GLU A 242 -21.79 -1.81 18.24
CA GLU A 242 -22.12 -2.32 19.59
C GLU A 242 -22.23 -1.26 20.70
N GLY A 243 -22.19 0.03 20.35
CA GLY A 243 -22.35 1.08 21.36
C GLY A 243 -21.46 2.28 21.11
N HIS A 244 -20.95 2.87 22.19
CA HIS A 244 -20.20 4.12 22.12
C HIS A 244 -18.92 4.03 22.87
N ILE A 245 -17.87 4.63 22.32
CA ILE A 245 -16.55 4.63 22.94
C ILE A 245 -16.01 6.05 22.99
N ASN A 246 -15.69 6.52 24.19
CA ASN A 246 -15.11 7.84 24.37
C ASN A 246 -13.61 7.75 24.28
N ILE A 247 -13.01 8.80 23.72
CA ILE A 247 -11.57 8.90 23.64
C ILE A 247 -11.14 10.33 23.90
N THR A 248 -9.82 10.50 24.01
CA THR A 248 -9.21 11.81 24.07
C THR A 248 -7.83 11.72 23.45
N VAL A 249 -7.23 12.86 23.19
CA VAL A 249 -5.91 12.90 22.59
C VAL A 249 -5.05 13.89 23.34
N THR A 250 -3.77 13.55 23.46
CA THR A 250 -2.78 14.48 23.96
C THR A 250 -2.02 15.01 22.76
N ALA A 251 -1.95 16.34 22.62
CA ALA A 251 -1.32 16.92 21.44
C ALA A 251 -0.05 17.69 21.80
N GLY A 252 0.78 17.92 20.80
CA GLY A 252 1.98 18.75 20.96
C GLY A 252 2.06 19.71 19.80
N VAL A 253 2.05 21.01 20.09
CA VAL A 253 2.15 22.02 19.05
C VAL A 253 3.52 22.68 19.08
N SER A 254 4.03 23.08 17.92
CA SER A 254 5.32 23.80 17.84
C SER A 254 5.39 24.71 16.62
N ARG A 255 6.22 25.73 16.74
CA ARG A 255 6.48 26.65 15.65
C ARG A 255 7.38 25.95 14.64
N ALA A 256 7.25 26.32 13.37
CA ALA A 256 8.18 25.88 12.33
C ALA A 256 8.99 27.08 11.82
N PHE A 257 10.24 27.21 12.27
CA PHE A 257 11.09 28.34 11.89
C PHE A 257 11.63 28.13 10.48
N PRO A 258 11.80 29.23 9.71
CA PRO A 258 12.20 29.12 8.31
C PRO A 258 13.38 28.19 8.08
N GLU A 259 13.30 27.39 7.02
CA GLU A 259 14.41 26.56 6.56
C GLU A 259 14.73 25.36 7.47
N GLU A 260 13.98 25.17 8.54
CA GLU A 260 14.11 23.97 9.36
C GLU A 260 13.61 22.77 8.55
N PRO A 261 14.24 21.59 8.71
CA PRO A 261 13.70 20.37 8.12
C PRO A 261 12.60 19.79 8.99
N LEU A 262 11.70 19.02 8.38
CA LEU A 262 10.53 18.49 9.08
C LEU A 262 10.90 17.75 10.36
N ASP A 263 11.87 16.84 10.25
CA ASP A 263 12.26 15.98 11.36
C ASP A 263 12.60 16.76 12.63
N VAL A 264 13.21 17.92 12.47
CA VAL A 264 13.50 18.79 13.60
C VAL A 264 12.21 19.21 14.28
N VAL A 265 11.25 19.68 13.47
CA VAL A 265 10.00 20.18 14.00
C VAL A 265 9.20 19.09 14.70
N ILE A 266 8.97 18.00 14.00
CA ILE A 266 8.26 16.85 14.57
C ILE A 266 8.87 16.51 15.92
N GLY A 267 10.17 16.25 15.94
CA GLY A 267 10.89 15.93 17.16
C GLY A 267 10.50 16.85 18.30
N ARG A 268 10.52 18.15 18.03
CA ARG A 268 10.13 19.14 19.02
C ARG A 268 8.66 18.95 19.43
N ALA A 269 7.79 18.74 18.45
CA ALA A 269 6.37 18.49 18.70
C ALA A 269 6.15 17.19 19.49
N ASP A 270 7.02 16.21 19.27
CA ASP A 270 6.97 14.97 20.03
C ASP A 270 7.40 15.22 21.46
N ARG A 271 8.49 15.97 21.63
CA ARG A 271 8.95 16.36 22.96
C ARG A 271 7.81 17.01 23.72
N ALA A 272 7.07 17.88 23.04
CA ALA A 272 5.92 18.58 23.64
C ALA A 272 4.84 17.60 24.09
N MET A 273 4.50 16.67 23.20
CA MET A 273 3.42 15.72 23.47
C MET A 273 3.76 14.79 24.63
N TYR A 274 4.98 14.28 24.65
CA TYR A 274 5.38 13.30 25.67
C TYR A 274 5.13 13.82 27.08
N GLU A 275 5.58 15.03 27.37
CA GLU A 275 5.39 15.63 28.69
C GLU A 275 3.91 15.74 29.03
N GLY A 276 3.10 16.09 28.02
CA GLY A 276 1.65 16.10 28.18
C GLY A 276 1.12 14.76 28.67
N LYS A 277 1.67 13.69 28.11
CA LYS A 277 1.28 12.34 28.52
C LYS A 277 1.81 12.03 29.92
N GLN A 278 2.99 12.54 30.25
CA GLN A 278 3.53 12.38 31.59
C GLN A 278 2.65 13.06 32.64
N THR A 279 2.05 14.18 32.27
CA THR A 279 1.37 15.04 33.23
C THR A 279 -0.12 14.75 33.45
N GLY A 280 -0.71 13.89 32.63
CA GLY A 280 -2.11 13.51 32.83
C GLY A 280 -2.93 13.11 31.61
N ARG A 281 -2.55 13.62 30.43
CA ARG A 281 -3.24 13.33 29.15
C ARG A 281 -4.44 14.25 28.87
N ASN A 282 -5.06 14.09 27.70
CA ASN A 282 -6.19 14.91 27.27
C ASN A 282 -5.88 16.38 27.44
N ARG A 283 -4.87 16.84 26.72
CA ARG A 283 -4.42 18.21 26.84
C ARG A 283 -3.50 18.56 25.70
N CYS A 284 -3.41 19.85 25.40
CA CYS A 284 -2.55 20.33 24.34
C CYS A 284 -1.36 21.03 24.94
N MET A 285 -0.16 20.60 24.56
CA MET A 285 1.08 21.18 25.05
C MET A 285 1.69 22.02 23.96
N PHE A 286 2.58 22.93 24.35
CA PHE A 286 3.28 23.79 23.40
C PHE A 286 4.72 24.01 23.83
N ILE A 287 5.64 23.93 22.87
CA ILE A 287 7.06 24.14 23.11
C ILE A 287 7.52 25.44 22.46
N ASP A 288 8.06 26.34 23.28
CA ASP A 288 8.37 27.70 22.84
C ASP A 288 9.72 27.80 22.13
N GLU A 289 10.08 29.01 21.70
CA GLU A 289 11.37 29.28 21.07
C GLU A 289 12.55 28.91 21.98
N GLN A 290 12.33 29.02 23.29
CA GLN A 290 13.33 28.65 24.30
C GLN A 290 13.38 27.13 24.57
N ASN A 291 12.61 26.35 23.81
CA ASN A 291 12.51 24.91 24.01
C ASN A 291 11.99 24.52 25.41
N VAL A 292 11.08 25.34 25.94
CA VAL A 292 10.43 25.08 27.21
C VAL A 292 8.96 24.76 26.96
N ILE A 293 8.45 23.73 27.63
CA ILE A 293 7.09 23.25 27.39
C ILE A 293 6.10 23.84 28.39
N ASN A 294 4.91 24.20 27.90
CA ASN A 294 3.84 24.72 28.75
C ASN A 294 2.49 24.24 28.24
N ARG A 295 1.62 23.84 29.15
CA ARG A 295 0.28 23.42 28.76
C ARG A 295 -0.55 24.64 28.39
N VAL A 296 -1.47 24.45 27.44
CA VAL A 296 -2.40 25.50 27.07
C VAL A 296 -3.67 25.41 27.90
N ALA B 1 4.63 -15.36 -2.43
CA ALA B 1 4.91 -15.56 -1.02
C ALA B 1 3.97 -14.79 -0.04
N ILE B 2 3.86 -13.42 -0.07
CA ILE B 2 4.59 -12.47 -0.91
C ILE B 2 5.59 -11.61 -0.11
N LYS B 3 5.08 -10.78 0.80
CA LYS B 3 5.83 -9.64 1.39
C LYS B 3 6.60 -8.75 0.38
N LYS B 4 7.19 -7.66 0.86
CA LYS B 4 7.89 -6.68 0.00
C LYS B 4 7.05 -6.16 -1.17
N THR B 5 6.73 -4.88 -1.12
CA THR B 5 5.89 -4.23 -2.14
C THR B 5 6.47 -4.51 -3.51
N THR B 6 7.73 -4.09 -3.69
CA THR B 6 8.49 -4.31 -4.92
C THR B 6 8.10 -5.60 -5.66
N GLU B 7 7.92 -6.68 -4.90
CA GLU B 7 7.49 -7.97 -5.46
C GLU B 7 6.21 -7.88 -6.31
N ILE B 8 5.32 -6.98 -5.93
CA ILE B 8 4.03 -6.88 -6.58
C ILE B 8 4.15 -6.11 -7.88
N ASP B 9 4.85 -4.99 -7.83
CA ASP B 9 5.06 -4.17 -9.03
C ASP B 9 5.73 -5.04 -10.10
N ALA B 10 6.66 -5.90 -9.66
CA ALA B 10 7.33 -6.84 -10.54
C ALA B 10 6.32 -7.68 -11.30
N ILE B 11 5.27 -8.13 -10.63
CA ILE B 11 4.24 -8.95 -11.28
C ILE B 11 3.40 -8.12 -12.24
N LEU B 12 2.83 -7.05 -11.71
CA LEU B 12 1.95 -6.18 -12.47
C LEU B 12 2.63 -5.79 -13.78
N LEU B 13 3.94 -5.51 -13.71
CA LEU B 13 4.74 -5.30 -14.90
C LEU B 13 4.50 -6.45 -15.86
N ASN B 14 4.79 -7.66 -15.41
CA ASN B 14 4.71 -8.84 -16.28
C ASN B 14 3.31 -9.15 -16.76
N LEU B 15 2.30 -8.70 -16.02
CA LEU B 15 0.93 -8.80 -16.51
C LEU B 15 0.74 -7.85 -17.70
N ASN B 16 1.13 -6.59 -17.54
CA ASN B 16 1.04 -5.63 -18.63
C ASN B 16 1.90 -6.02 -19.81
N LYS B 17 3.02 -6.71 -19.55
CA LYS B 17 3.87 -7.23 -20.61
C LYS B 17 3.12 -8.22 -21.49
N ALA B 18 2.24 -9.00 -20.87
CA ALA B 18 1.44 -9.98 -21.60
C ALA B 18 0.42 -9.30 -22.51
N ILE B 19 -0.18 -8.21 -22.03
CA ILE B 19 -1.17 -7.47 -22.81
C ILE B 19 -0.55 -7.01 -24.12
N ASP B 20 0.61 -6.36 -24.02
CA ASP B 20 1.35 -5.91 -25.19
C ASP B 20 1.75 -7.08 -26.07
N ALA B 21 2.33 -8.11 -25.46
CA ALA B 21 2.79 -9.29 -26.18
C ALA B 21 1.65 -9.92 -26.99
N HIS B 22 0.46 -9.96 -26.42
CA HIS B 22 -0.68 -10.59 -27.08
C HIS B 22 -1.39 -9.69 -28.05
N TYR B 23 -1.11 -8.39 -28.00
CA TYR B 23 -1.51 -7.49 -29.09
C TYR B 23 -0.68 -7.85 -30.31
N GLN B 24 0.64 -7.87 -30.13
CA GLN B 24 1.55 -8.20 -31.21
C GLN B 24 1.15 -9.50 -31.87
N TRP B 25 0.87 -10.49 -31.05
CA TRP B 25 0.44 -11.80 -31.51
C TRP B 25 -0.71 -11.71 -32.47
N LEU B 26 -1.70 -10.90 -32.10
CA LEU B 26 -2.89 -10.76 -32.93
C LEU B 26 -2.53 -10.08 -34.25
N VAL B 27 -1.70 -9.04 -34.18
CA VAL B 27 -1.21 -8.36 -35.39
C VAL B 27 -0.54 -9.33 -36.33
N SER B 28 0.30 -10.21 -35.78
CA SER B 28 1.01 -11.19 -36.57
C SER B 28 0.05 -12.10 -37.32
N MET B 29 -0.97 -12.61 -36.63
CA MET B 29 -1.96 -13.44 -37.28
C MET B 29 -2.59 -12.71 -38.45
N PHE B 30 -2.91 -11.44 -38.23
CA PHE B 30 -3.51 -10.60 -39.26
C PHE B 30 -2.52 -10.34 -40.39
N HIS B 31 -1.27 -10.06 -40.04
CA HIS B 31 -0.21 -9.87 -41.01
C HIS B 31 -0.08 -11.09 -41.86
N SER B 32 0.20 -12.22 -41.22
CA SER B 32 0.48 -13.47 -41.91
C SER B 32 -0.60 -13.86 -42.90
N VAL B 33 -1.86 -13.64 -42.53
CA VAL B 33 -2.99 -13.97 -43.40
C VAL B 33 -2.97 -13.12 -44.69
N VAL B 34 -2.66 -11.83 -44.53
CA VAL B 34 -2.57 -10.92 -45.67
C VAL B 34 -1.40 -11.29 -46.58
N ALA B 35 -0.27 -11.65 -45.99
CA ALA B 35 0.94 -12.00 -46.74
C ALA B 35 0.84 -13.40 -47.33
N ARG B 36 -0.04 -14.25 -46.74
CA ARG B 36 -0.26 -15.66 -47.09
C ARG B 36 0.93 -16.54 -46.74
N ASP B 65 0.86 -19.36 -2.72
CA ASP B 65 0.01 -19.82 -1.62
C ASP B 65 -1.44 -20.04 -2.07
N ASN B 66 -2.29 -20.53 -1.16
CA ASN B 66 -3.68 -20.88 -1.48
C ASN B 66 -4.60 -19.68 -1.76
N ASP B 67 -4.21 -18.49 -1.30
CA ASP B 67 -4.97 -17.27 -1.59
C ASP B 67 -4.98 -16.96 -3.10
N GLU B 68 -3.78 -16.91 -3.70
CA GLU B 68 -3.61 -16.46 -5.10
C GLU B 68 -3.58 -17.59 -6.14
N LEU B 69 -3.59 -18.84 -5.68
CA LEU B 69 -3.63 -19.99 -6.58
C LEU B 69 -4.82 -19.92 -7.57
N PRO B 70 -6.04 -19.65 -7.07
CA PRO B 70 -7.21 -19.60 -7.96
C PRO B 70 -7.06 -18.62 -9.13
N TYR B 71 -6.50 -17.44 -8.85
CA TYR B 71 -6.36 -16.40 -9.87
C TYR B 71 -5.43 -16.82 -11.00
N VAL B 72 -4.35 -17.53 -10.65
CA VAL B 72 -3.41 -17.98 -11.66
C VAL B 72 -3.97 -19.15 -12.45
N ARG B 73 -4.57 -20.10 -11.75
CA ARG B 73 -5.24 -21.22 -12.42
C ARG B 73 -6.24 -20.69 -13.44
N LEU B 74 -7.05 -19.73 -13.00
CA LEU B 74 -8.07 -19.13 -13.85
C LEU B 74 -7.45 -18.63 -15.15
N MET B 75 -6.48 -17.73 -15.03
CA MET B 75 -5.90 -17.09 -16.23
C MET B 75 -5.08 -18.07 -17.05
N ASP B 76 -4.42 -19.01 -16.39
CA ASP B 76 -3.74 -20.08 -17.10
C ASP B 76 -4.73 -20.82 -18.01
N SER B 77 -5.88 -21.16 -17.44
CA SER B 77 -6.94 -21.82 -18.21
C SER B 77 -7.40 -20.95 -19.37
N ALA B 78 -7.62 -19.67 -19.08
CA ALA B 78 -8.08 -18.72 -20.10
C ALA B 78 -7.06 -18.60 -21.22
N HIS B 79 -5.80 -18.45 -20.85
CA HIS B 79 -4.71 -18.31 -21.81
C HIS B 79 -4.69 -19.45 -22.77
N GLN B 80 -4.70 -20.68 -22.25
CA GLN B 80 -4.74 -21.86 -23.09
C GLN B 80 -5.86 -21.72 -24.10
N HIS B 81 -7.07 -21.58 -23.59
CA HIS B 81 -8.26 -21.56 -24.44
C HIS B 81 -8.18 -20.52 -25.50
N MET B 82 -7.65 -19.36 -25.17
CA MET B 82 -7.52 -18.25 -26.12
C MET B 82 -6.71 -18.68 -27.34
N HIS B 83 -5.51 -19.20 -27.08
CA HIS B 83 -4.64 -19.68 -28.15
C HIS B 83 -5.28 -20.78 -28.95
N ASN B 84 -6.04 -21.64 -28.30
CA ASN B 84 -6.74 -22.73 -28.99
C ASN B 84 -7.65 -22.19 -30.08
N CYS B 85 -8.41 -21.15 -29.73
CA CYS B 85 -9.30 -20.51 -30.69
C CYS B 85 -8.51 -19.94 -31.84
N GLY B 86 -7.38 -19.31 -31.51
CA GLY B 86 -6.52 -18.71 -32.53
C GLY B 86 -6.03 -19.73 -33.54
N ARG B 87 -5.60 -20.87 -33.04
CA ARG B 87 -5.16 -21.97 -33.89
C ARG B 87 -6.32 -22.46 -34.76
N GLU B 88 -7.45 -22.75 -34.11
CA GLU B 88 -8.67 -23.17 -34.81
C GLU B 88 -9.09 -22.16 -35.87
N LEU B 89 -9.06 -20.88 -35.50
CA LEU B 89 -9.39 -19.78 -36.41
C LEU B 89 -8.47 -19.80 -37.62
N MET B 90 -7.16 -19.76 -37.38
CA MET B 90 -6.18 -19.72 -38.46
C MET B 90 -6.34 -20.90 -39.41
N LEU B 91 -6.44 -22.10 -38.86
CA LEU B 91 -6.59 -23.31 -39.66
C LEU B 91 -7.83 -23.24 -40.54
N ALA B 92 -8.93 -22.74 -39.99
CA ALA B 92 -10.19 -22.61 -40.71
C ALA B 92 -10.10 -21.61 -41.86
N ILE B 93 -9.38 -20.52 -41.64
CA ILE B 93 -9.20 -19.47 -42.64
C ILE B 93 -8.42 -20.00 -43.84
N VAL B 94 -7.35 -20.74 -43.55
CA VAL B 94 -6.48 -21.26 -44.59
C VAL B 94 -7.17 -22.35 -45.42
N GLU B 95 -7.78 -23.32 -44.75
CA GLU B 95 -8.41 -24.46 -45.42
C GLU B 95 -9.77 -24.14 -46.07
N ASN B 96 -10.16 -22.86 -46.09
CA ASN B 96 -11.41 -22.41 -46.72
C ASN B 96 -12.65 -23.13 -46.18
N HIS B 97 -12.82 -23.08 -44.87
CA HIS B 97 -14.09 -23.44 -44.24
C HIS B 97 -14.26 -22.71 -42.93
N TRP B 98 -13.98 -21.40 -42.97
CA TRP B 98 -14.12 -20.53 -41.81
C TRP B 98 -15.51 -19.95 -41.76
N GLN B 99 -15.92 -19.54 -40.56
CA GLN B 99 -17.26 -18.98 -40.33
C GLN B 99 -17.19 -17.88 -39.29
N ASP B 100 -18.11 -16.92 -39.37
CA ASP B 100 -18.19 -15.81 -38.41
C ASP B 100 -18.05 -16.31 -36.96
N ALA B 101 -18.61 -17.49 -36.70
CA ALA B 101 -18.47 -18.12 -35.39
C ALA B 101 -17.02 -18.20 -34.94
N HIS B 102 -16.11 -18.51 -35.86
CA HIS B 102 -14.69 -18.68 -35.50
C HIS B 102 -14.05 -17.44 -34.95
N PHE B 103 -14.40 -16.28 -35.51
CA PHE B 103 -13.90 -15.01 -35.01
C PHE B 103 -14.53 -14.63 -33.67
N ASP B 104 -15.85 -14.80 -33.57
CA ASP B 104 -16.59 -14.48 -32.35
C ASP B 104 -16.13 -15.37 -31.17
N ALA B 105 -15.82 -16.62 -31.48
CA ALA B 105 -15.29 -17.57 -30.50
C ALA B 105 -13.91 -17.15 -30.01
N PHE B 106 -13.06 -16.74 -30.95
CA PHE B 106 -11.72 -16.25 -30.64
C PHE B 106 -11.78 -14.99 -29.75
N GLN B 107 -12.65 -14.06 -30.13
CA GLN B 107 -12.85 -12.83 -29.38
C GLN B 107 -13.41 -13.10 -27.98
N GLU B 108 -14.33 -14.07 -27.88
CA GLU B 108 -14.85 -14.50 -26.58
C GLU B 108 -13.72 -14.93 -25.67
N GLY B 109 -12.85 -15.80 -26.17
CA GLY B 109 -11.71 -16.30 -25.42
C GLY B 109 -10.67 -15.24 -25.11
N LEU B 110 -10.49 -14.31 -26.03
CA LEU B 110 -9.54 -13.21 -25.86
C LEU B 110 -9.98 -12.25 -24.76
N LEU B 111 -11.26 -11.91 -24.73
CA LEU B 111 -11.82 -11.09 -23.65
C LEU B 111 -11.86 -11.86 -22.34
N SER B 112 -12.11 -13.17 -22.40
CA SER B 112 -12.05 -14.01 -21.21
C SER B 112 -10.68 -13.98 -20.60
N PHE B 113 -9.65 -14.00 -21.45
CA PHE B 113 -8.28 -13.87 -21.00
C PHE B 113 -8.03 -12.52 -20.31
N THR B 114 -8.37 -11.44 -21.01
CA THR B 114 -8.18 -10.09 -20.47
C THR B 114 -9.02 -9.83 -19.21
N ALA B 115 -10.10 -10.60 -19.04
CA ALA B 115 -10.85 -10.60 -17.78
C ALA B 115 -9.99 -11.25 -16.70
N ALA B 116 -9.55 -12.46 -16.96
CA ALA B 116 -8.81 -13.25 -15.98
C ALA B 116 -7.62 -12.49 -15.40
N LEU B 117 -6.88 -11.80 -16.25
CA LEU B 117 -5.80 -10.94 -15.79
C LEU B 117 -6.35 -9.89 -14.86
N THR B 118 -7.31 -9.12 -15.38
CA THR B 118 -7.89 -8.01 -14.65
C THR B 118 -8.26 -8.42 -13.22
N ASP B 119 -8.93 -9.56 -13.08
CA ASP B 119 -9.29 -10.07 -11.76
C ASP B 119 -8.03 -10.17 -10.92
N TYR B 120 -7.03 -10.85 -11.46
CA TYR B 120 -5.78 -11.04 -10.75
C TYR B 120 -5.16 -9.71 -10.38
N LYS B 121 -5.10 -8.80 -11.34
CA LYS B 121 -4.58 -7.46 -11.11
C LYS B 121 -5.21 -6.87 -9.86
N ILE B 122 -6.53 -6.72 -9.89
CA ILE B 122 -7.25 -6.10 -8.79
C ILE B 122 -6.80 -6.71 -7.49
N TYR B 123 -6.99 -8.02 -7.38
CA TYR B 123 -6.67 -8.73 -6.16
C TYR B 123 -5.34 -8.26 -5.61
N LEU B 124 -4.33 -8.23 -6.47
CA LEU B 124 -3.00 -7.82 -6.05
C LEU B 124 -3.06 -6.41 -5.47
N LEU B 125 -3.52 -5.47 -6.29
CA LEU B 125 -3.57 -4.06 -5.91
C LEU B 125 -4.25 -3.89 -4.56
N THR B 126 -5.41 -4.52 -4.41
CA THR B 126 -6.16 -4.42 -3.17
C THR B 126 -5.27 -4.92 -2.05
N ILE B 127 -4.94 -6.20 -2.07
CA ILE B 127 -4.05 -6.78 -1.07
C ILE B 127 -2.86 -5.87 -0.77
N ARG B 128 -2.40 -5.14 -1.77
CA ARG B 128 -1.16 -4.36 -1.68
C ARG B 128 -1.30 -2.86 -1.76
N SER B 129 -2.53 -2.40 -1.71
CA SER B 129 -2.79 -1.06 -1.26
C SER B 129 -2.50 -0.99 0.25
N ASN B 130 -2.73 -2.09 0.97
CA ASN B 130 -2.40 -2.21 2.42
C ASN B 130 -0.93 -2.46 2.75
N MET B 131 -0.07 -2.13 1.80
CA MET B 131 1.34 -2.31 1.96
C MET B 131 2.02 -1.09 2.60
N ASP B 132 2.76 -1.33 3.68
CA ASP B 132 3.40 -0.25 4.45
C ASP B 132 4.38 0.57 3.61
N VAL B 133 4.10 1.87 3.52
CA VAL B 133 4.88 2.79 2.71
C VAL B 133 6.33 2.84 3.14
N LEU B 134 6.53 2.98 4.44
CA LEU B 134 7.86 3.20 5.01
C LEU B 134 8.79 2.02 4.77
N THR B 135 8.36 0.84 5.21
CA THR B 135 9.20 -0.34 5.18
C THR B 135 9.06 -1.14 3.91
N GLY B 136 7.87 -1.13 3.32
CA GLY B 136 7.58 -1.99 2.18
C GLY B 136 7.15 -3.40 2.58
N LEU B 137 6.94 -3.61 3.88
CA LEU B 137 6.39 -4.86 4.38
C LEU B 137 4.88 -4.76 4.33
N PRO B 138 4.21 -5.90 4.34
CA PRO B 138 2.76 -5.83 4.46
C PRO B 138 2.32 -5.20 5.80
N GLY B 139 1.17 -4.51 5.78
CA GLY B 139 0.62 -3.88 6.97
C GLY B 139 -0.32 -4.81 7.74
N ARG B 140 -0.60 -4.44 8.99
CA ARG B 140 -1.51 -5.20 9.85
C ARG B 140 -2.74 -5.70 9.08
N ARG B 141 -3.28 -4.83 8.24
CA ARG B 141 -4.54 -5.08 7.59
C ARG B 141 -4.46 -6.30 6.69
N VAL B 142 -3.34 -6.44 5.97
CA VAL B 142 -3.09 -7.63 5.14
C VAL B 142 -3.25 -8.89 5.98
N LEU B 143 -2.56 -8.90 7.12
CA LEU B 143 -2.60 -10.02 8.05
C LEU B 143 -4.03 -10.25 8.53
N ASP B 144 -4.66 -9.20 9.04
CA ASP B 144 -6.03 -9.28 9.54
C ASP B 144 -6.88 -10.09 8.57
N GLU B 145 -6.80 -9.73 7.30
CA GLU B 145 -7.66 -10.29 6.26
C GLU B 145 -7.28 -11.71 5.86
N SER B 146 -6.01 -12.05 6.01
CA SER B 146 -5.52 -13.34 5.53
C SER B 146 -5.32 -14.37 6.64
N PHE B 147 -5.39 -13.95 7.89
CA PHE B 147 -5.00 -14.82 9.01
C PHE B 147 -5.86 -16.08 9.09
N ASP B 148 -7.18 -15.88 9.16
CA ASP B 148 -8.13 -17.00 9.26
C ASP B 148 -7.80 -18.08 8.23
N HIS B 149 -7.44 -17.64 7.02
CA HIS B 149 -7.04 -18.55 5.94
C HIS B 149 -5.73 -19.25 6.23
N GLN B 150 -4.74 -18.49 6.66
CA GLN B 150 -3.40 -19.03 6.91
C GLN B 150 -3.40 -20.12 7.98
N LEU B 151 -4.26 -19.95 8.99
CA LEU B 151 -4.40 -20.90 10.08
C LEU B 151 -5.00 -22.21 9.59
N ARG B 152 -6.05 -22.10 8.76
CA ARG B 152 -6.70 -23.27 8.21
C ARG B 152 -5.74 -24.11 7.38
N ASN B 153 -4.94 -23.46 6.53
CA ASN B 153 -4.02 -24.16 5.63
C ASN B 153 -2.67 -24.55 6.26
N ALA B 154 -2.51 -24.31 7.56
CA ALA B 154 -1.27 -24.64 8.28
C ALA B 154 -1.06 -26.15 8.43
N GLU B 155 -2.16 -26.88 8.63
CA GLU B 155 -2.10 -28.33 8.75
C GLU B 155 -1.30 -28.96 7.62
N PRO B 156 -0.63 -30.09 7.89
CA PRO B 156 -0.58 -30.78 9.17
C PRO B 156 0.28 -30.06 10.21
N LEU B 157 1.01 -29.04 9.75
CA LEU B 157 1.92 -28.31 10.61
C LEU B 157 1.17 -27.39 11.56
N ASN B 158 1.86 -26.95 12.59
CA ASN B 158 1.36 -25.96 13.53
C ASN B 158 1.74 -24.56 13.10
N LEU B 159 0.88 -23.58 13.36
CA LEU B 159 1.20 -22.20 13.05
C LEU B 159 1.57 -21.45 14.32
N TYR B 160 2.55 -20.56 14.19
CA TYR B 160 2.96 -19.71 15.30
C TYR B 160 3.08 -18.26 14.85
N LEU B 161 2.75 -17.36 15.77
CA LEU B 161 2.86 -15.94 15.52
C LEU B 161 3.97 -15.41 16.39
N MET B 162 4.86 -14.65 15.77
CA MET B 162 5.98 -14.08 16.48
C MET B 162 5.90 -12.57 16.44
N LEU B 163 5.75 -11.98 17.63
CA LEU B 163 5.70 -10.53 17.78
C LEU B 163 7.07 -10.02 18.18
N LEU B 164 7.59 -9.05 17.45
CA LEU B 164 8.86 -8.40 17.77
C LEU B 164 8.64 -6.91 17.99
N ASP B 165 9.26 -6.35 19.01
CA ASP B 165 9.11 -4.93 19.34
C ASP B 165 10.48 -4.36 19.66
N ILE B 166 10.92 -3.36 18.89
CA ILE B 166 12.26 -2.82 19.04
C ILE B 166 12.43 -2.32 20.47
N ASP B 167 13.62 -2.53 21.03
CA ASP B 167 13.88 -2.20 22.42
C ASP B 167 14.38 -0.77 22.52
N ARG B 168 13.75 0.03 23.39
CA ARG B 168 14.11 1.44 23.58
C ARG B 168 14.35 2.19 22.26
N PHE B 169 13.44 2.03 21.31
CA PHE B 169 13.55 2.71 20.02
C PHE B 169 13.33 4.22 20.18
N LYS B 170 12.52 4.62 21.14
CA LYS B 170 12.33 6.05 21.44
C LYS B 170 13.67 6.73 21.65
N LEU B 171 14.54 6.06 22.42
CA LEU B 171 15.88 6.56 22.66
C LEU B 171 16.56 6.86 21.33
N VAL B 172 16.50 5.90 20.42
CA VAL B 172 17.14 6.07 19.12
C VAL B 172 16.59 7.29 18.38
N ASN B 173 15.28 7.49 18.43
CA ASN B 173 14.67 8.69 17.85
C ASN B 173 15.14 9.93 18.58
N ASP B 174 15.10 9.89 19.90
CA ASP B 174 15.51 11.00 20.73
C ASP B 174 16.98 11.36 20.48
N THR B 175 17.80 10.34 20.25
CA THR B 175 19.23 10.53 20.09
C THR B 175 19.62 11.07 18.71
N TYR B 176 19.16 10.39 17.66
CA TYR B 176 19.61 10.68 16.30
C TYR B 176 18.62 11.46 15.44
N GLY B 177 17.36 11.49 15.86
CA GLY B 177 16.30 12.13 15.06
C GLY B 177 15.41 11.10 14.40
N HIS B 178 14.32 11.57 13.80
CA HIS B 178 13.32 10.66 13.23
C HIS B 178 13.71 10.09 11.89
N LEU B 179 14.37 10.90 11.06
CA LEU B 179 14.90 10.40 9.79
C LEU B 179 15.70 9.14 10.02
N ILE B 180 16.67 9.23 10.93
CA ILE B 180 17.52 8.11 11.26
C ILE B 180 16.66 6.93 11.72
N GLY B 181 15.73 7.21 12.64
CA GLY B 181 14.77 6.22 13.10
C GLY B 181 14.05 5.56 11.94
N ASP B 182 13.64 6.36 10.97
CA ASP B 182 12.97 5.84 9.78
C ASP B 182 13.88 4.86 9.03
N VAL B 183 15.17 5.17 8.94
CA VAL B 183 16.10 4.28 8.27
C VAL B 183 16.18 2.93 8.98
N VAL B 184 16.34 2.97 10.31
CA VAL B 184 16.44 1.75 11.11
C VAL B 184 15.29 0.81 10.80
N LEU B 185 14.07 1.35 10.81
CA LEU B 185 12.89 0.54 10.52
C LEU B 185 12.96 -0.05 9.12
N ARG B 186 13.27 0.78 8.12
CA ARG B 186 13.44 0.30 6.75
C ARG B 186 14.42 -0.86 6.72
N THR B 187 15.60 -0.62 7.29
CA THR B 187 16.65 -1.60 7.31
C THR B 187 16.17 -2.85 8.02
N LEU B 188 15.75 -2.70 9.27
CA LEU B 188 15.32 -3.83 10.08
C LEU B 188 14.27 -4.63 9.32
N ALA B 189 13.32 -3.93 8.73
CA ALA B 189 12.34 -4.57 7.88
C ALA B 189 13.03 -5.43 6.83
N THR B 190 13.92 -4.82 6.06
CA THR B 190 14.62 -5.48 4.96
C THR B 190 15.34 -6.72 5.46
N TYR B 191 16.10 -6.56 6.55
CA TYR B 191 16.80 -7.67 7.17
C TYR B 191 15.85 -8.80 7.54
N LEU B 192 14.79 -8.47 8.25
CA LEU B 192 13.84 -9.48 8.70
C LEU B 192 13.22 -10.21 7.52
N ALA B 193 12.95 -9.48 6.45
CA ALA B 193 12.41 -10.07 5.22
C ALA B 193 13.37 -11.08 4.60
N SER B 194 14.66 -10.73 4.63
CA SER B 194 15.72 -11.60 4.10
C SER B 194 15.96 -12.80 4.99
N TRP B 195 15.84 -12.60 6.30
CA TRP B 195 16.12 -13.65 7.27
C TRP B 195 15.01 -14.66 7.42
N THR B 196 13.82 -14.34 6.91
CA THR B 196 12.66 -15.23 7.01
C THR B 196 12.47 -16.03 5.73
N ARG B 197 11.73 -17.13 5.86
CA ARG B 197 11.44 -17.96 4.70
C ARG B 197 10.35 -17.30 3.83
N ASP B 198 10.15 -17.79 2.62
CA ASP B 198 9.16 -17.19 1.68
C ASP B 198 7.75 -17.36 2.20
N TYR B 199 7.41 -18.59 2.56
CA TYR B 199 6.07 -18.93 3.03
C TYR B 199 5.72 -18.30 4.39
N GLU B 200 6.74 -17.87 5.15
CA GLU B 200 6.54 -17.18 6.41
C GLU B 200 6.67 -15.68 6.19
N THR B 201 5.57 -14.96 6.36
CA THR B 201 5.50 -13.55 6.01
C THR B 201 5.80 -12.64 7.21
N VAL B 202 6.60 -11.61 6.95
CA VAL B 202 6.88 -10.58 7.92
C VAL B 202 5.97 -9.39 7.64
N TYR B 203 5.30 -8.92 8.69
CA TYR B 203 4.36 -7.82 8.60
C TYR B 203 4.80 -6.68 9.50
N ARG B 204 4.69 -5.44 9.03
CA ARG B 204 4.76 -4.31 9.95
C ARG B 204 3.39 -4.22 10.57
N TYR B 205 3.31 -4.67 11.82
CA TYR B 205 2.06 -4.65 12.56
C TYR B 205 1.82 -3.27 13.17
N GLY B 206 2.87 -2.71 13.76
CA GLY B 206 2.80 -1.40 14.42
C GLY B 206 3.99 -0.52 14.13
N GLY B 207 4.13 0.56 14.90
CA GLY B 207 5.19 1.54 14.68
C GLY B 207 6.57 0.92 14.77
N GLU B 208 6.81 0.26 15.90
CA GLU B 208 8.07 -0.45 16.13
C GLU B 208 7.80 -1.95 16.25
N GLU B 209 6.63 -2.39 15.85
CA GLU B 209 6.20 -3.75 16.12
C GLU B 209 6.04 -4.58 14.84
N PHE B 210 6.66 -5.76 14.84
CA PHE B 210 6.61 -6.68 13.70
C PHE B 210 6.04 -8.04 14.06
N ILE B 211 5.41 -8.67 13.08
CA ILE B 211 4.86 -10.00 13.25
C ILE B 211 5.36 -10.91 12.16
N ILE B 212 5.82 -12.09 12.55
CA ILE B 212 6.18 -13.12 11.60
C ILE B 212 5.33 -14.34 11.84
N ILE B 213 4.70 -14.84 10.79
CA ILE B 213 3.90 -16.03 10.88
C ILE B 213 4.76 -17.22 10.54
N VAL B 214 5.08 -18.01 11.55
CA VAL B 214 5.93 -19.16 11.35
C VAL B 214 5.08 -20.42 11.29
N LYS B 215 5.47 -21.35 10.41
CA LYS B 215 4.85 -22.68 10.34
C LYS B 215 5.90 -23.75 10.67
N ALA B 216 5.62 -24.55 11.69
CA ALA B 216 6.58 -25.56 12.18
C ALA B 216 5.89 -26.82 12.70
N ALA B 217 6.68 -27.83 13.02
CA ALA B 217 6.17 -29.12 13.47
C ALA B 217 5.90 -29.14 14.98
N ASN B 218 6.65 -28.35 15.75
CA ASN B 218 6.46 -28.31 17.19
C ASN B 218 6.90 -26.97 17.78
N ASP B 219 6.59 -26.79 19.07
CA ASP B 219 6.86 -25.53 19.74
C ASP B 219 8.35 -25.21 19.80
N GLU B 220 9.17 -26.25 19.92
CA GLU B 220 10.61 -26.07 20.00
C GLU B 220 11.15 -25.50 18.71
N GLU B 221 10.66 -26.02 17.58
CA GLU B 221 11.05 -25.53 16.26
C GLU B 221 10.71 -24.05 16.09
N ALA B 222 9.51 -23.68 16.52
CA ALA B 222 9.06 -22.29 16.49
C ALA B 222 10.01 -21.39 17.26
N CYS B 223 10.31 -21.79 18.49
CA CYS B 223 11.17 -21.02 19.39
C CYS B 223 12.57 -20.79 18.81
N ARG B 224 13.10 -21.80 18.14
CA ARG B 224 14.40 -21.71 17.49
C ARG B 224 14.37 -20.60 16.46
N ALA B 225 13.40 -20.66 15.55
CA ALA B 225 13.18 -19.60 14.57
C ALA B 225 13.12 -18.25 15.27
N GLY B 226 12.32 -18.18 16.34
CA GLY B 226 12.21 -16.97 17.13
C GLY B 226 13.55 -16.49 17.63
N VAL B 227 14.19 -17.29 18.48
CA VAL B 227 15.43 -16.89 19.14
C VAL B 227 16.53 -16.50 18.15
N ARG B 228 16.60 -17.19 17.02
CA ARG B 228 17.64 -16.92 16.05
C ARG B 228 17.48 -15.56 15.41
N ILE B 229 16.23 -15.18 15.10
CA ILE B 229 15.98 -13.88 14.50
C ILE B 229 16.48 -12.79 15.44
N CYS B 230 16.19 -12.93 16.73
CA CYS B 230 16.60 -11.95 17.73
C CYS B 230 18.11 -11.77 17.78
N GLN B 231 18.83 -12.88 17.65
CA GLN B 231 20.28 -12.84 17.58
C GLN B 231 20.70 -12.04 16.35
N LEU B 232 20.14 -12.39 15.21
CA LEU B 232 20.49 -11.74 13.96
C LEU B 232 20.32 -10.24 14.08
N VAL B 233 19.17 -9.80 14.60
CA VAL B 233 18.93 -8.37 14.83
C VAL B 233 20.06 -7.80 15.67
N ASP B 234 20.40 -8.50 16.75
CA ASP B 234 21.47 -8.08 17.62
C ASP B 234 22.81 -8.09 16.88
N ASN B 235 23.04 -9.11 16.07
CA ASN B 235 24.33 -9.32 15.42
C ASN B 235 24.56 -8.50 14.16
N HIS B 236 23.59 -7.67 13.77
CA HIS B 236 23.72 -6.86 12.57
C HIS B 236 23.38 -5.42 12.82
N ALA B 237 24.41 -4.58 12.93
CA ALA B 237 24.23 -3.15 13.10
C ALA B 237 23.60 -2.54 11.87
N ILE B 238 22.93 -1.40 12.05
CA ILE B 238 22.24 -0.72 10.95
C ILE B 238 23.05 0.50 10.51
N THR B 239 23.51 0.48 9.27
CA THR B 239 24.35 1.56 8.73
C THR B 239 23.51 2.79 8.37
N HIS B 240 24.06 3.96 8.62
CA HIS B 240 23.46 5.20 8.14
C HIS B 240 24.51 6.16 7.67
N SER B 241 24.06 7.20 6.97
CA SER B 241 24.94 8.23 6.46
C SER B 241 26.04 8.59 7.46
N GLU B 242 25.64 8.81 8.71
CA GLU B 242 26.54 9.34 9.74
C GLU B 242 27.22 8.30 10.65
N GLY B 243 27.11 7.01 10.32
CA GLY B 243 27.78 5.97 11.09
C GLY B 243 26.96 4.71 11.27
N HIS B 244 27.07 4.10 12.46
CA HIS B 244 26.44 2.81 12.74
C HIS B 244 25.67 2.83 14.01
N ILE B 245 24.51 2.17 14.01
CA ILE B 245 23.64 2.09 15.18
C ILE B 245 23.25 0.64 15.46
N ASN B 246 23.57 0.16 16.66
CA ASN B 246 23.17 -1.18 17.07
C ASN B 246 21.82 -1.17 17.75
N ILE B 247 21.05 -2.23 17.53
CA ILE B 247 19.76 -2.40 18.19
C ILE B 247 19.56 -3.85 18.59
N THR B 248 18.48 -4.09 19.33
CA THR B 248 18.02 -5.43 19.65
C THR B 248 16.51 -5.42 19.75
N VAL B 249 15.90 -6.60 19.76
CA VAL B 249 14.46 -6.73 19.87
C VAL B 249 14.09 -7.77 20.90
N THR B 250 13.01 -7.50 21.62
CA THR B 250 12.43 -8.49 22.51
C THR B 250 11.20 -9.06 21.79
N ALA B 251 11.13 -10.38 21.68
CA ALA B 251 10.06 -11.03 20.92
C ALA B 251 9.14 -11.84 21.82
N GLY B 252 7.95 -12.12 21.31
CA GLY B 252 7.01 -13.02 21.98
C GLY B 252 6.42 -13.97 20.97
N VAL B 253 6.63 -15.27 21.19
CA VAL B 253 6.11 -16.29 20.27
C VAL B 253 4.94 -17.01 20.92
N SER B 254 3.98 -17.43 20.11
CA SER B 254 2.85 -18.22 20.62
C SER B 254 2.25 -19.14 19.55
N ARG B 255 1.62 -20.22 20.01
CA ARG B 255 0.93 -21.13 19.11
C ARG B 255 -0.36 -20.47 18.66
N ALA B 256 -0.83 -20.83 17.47
CA ALA B 256 -2.14 -20.44 16.99
C ALA B 256 -3.05 -21.66 16.88
N PHE B 257 -3.94 -21.85 17.86
CA PHE B 257 -4.82 -23.02 17.89
C PHE B 257 -5.98 -22.83 16.89
N PRO B 258 -6.42 -23.92 16.25
CA PRO B 258 -7.46 -23.82 15.22
C PRO B 258 -8.64 -22.96 15.61
N GLU B 259 -9.11 -22.15 14.66
CA GLU B 259 -10.35 -21.38 14.83
C GLU B 259 -10.27 -20.21 15.82
N GLU B 260 -9.09 -19.98 16.41
CA GLU B 260 -8.88 -18.79 17.22
C GLU B 260 -8.90 -17.57 16.30
N PRO B 261 -9.42 -16.43 16.79
CA PRO B 261 -9.29 -15.19 16.04
C PRO B 261 -7.93 -14.56 16.30
N LEU B 262 -7.46 -13.74 15.37
CA LEU B 262 -6.12 -13.15 15.45
C LEU B 262 -5.89 -12.43 16.77
N ASP B 263 -6.82 -11.58 17.14
CA ASP B 263 -6.67 -10.73 18.32
C ASP B 263 -6.35 -11.54 19.57
N VAL B 264 -6.91 -12.74 19.68
CA VAL B 264 -6.60 -13.62 20.80
C VAL B 264 -5.12 -13.98 20.77
N VAL B 265 -4.63 -14.39 19.60
CA VAL B 265 -3.25 -14.83 19.47
C VAL B 265 -2.27 -13.70 19.76
N ILE B 266 -2.44 -12.58 19.06
CA ILE B 266 -1.60 -11.41 19.29
C ILE B 266 -1.53 -11.12 20.79
N GLY B 267 -2.68 -10.92 21.41
CA GLY B 267 -2.75 -10.66 22.84
C GLY B 267 -1.83 -11.57 23.62
N ARG B 268 -1.92 -12.87 23.35
CA ARG B 268 -1.06 -13.85 24.01
C ARG B 268 0.40 -13.58 23.70
N ALA B 269 0.71 -13.32 22.43
CA ALA B 269 2.08 -13.00 22.03
C ALA B 269 2.57 -11.70 22.66
N ASP B 270 1.65 -10.77 22.91
CA ASP B 270 1.98 -9.52 23.60
C ASP B 270 2.30 -9.81 25.06
N ARG B 271 1.45 -10.62 25.68
CA ARG B 271 1.69 -11.05 27.06
C ARG B 271 3.08 -11.64 27.19
N ALA B 272 3.46 -12.46 26.21
CA ALA B 272 4.78 -13.08 26.17
C ALA B 272 5.90 -12.05 26.10
N MET B 273 5.75 -11.10 25.19
CA MET B 273 6.77 -10.09 24.94
C MET B 273 6.97 -9.18 26.15
N TYR B 274 5.88 -8.75 26.77
CA TYR B 274 5.96 -7.81 27.87
C TYR B 274 6.88 -8.31 29.00
N GLU B 275 6.67 -9.56 29.42
CA GLU B 275 7.50 -10.16 30.45
C GLU B 275 8.97 -10.18 30.05
N GLY B 276 9.23 -10.46 28.78
CA GLY B 276 10.57 -10.38 28.22
C GLY B 276 11.20 -9.02 28.46
N LYS B 277 10.40 -7.97 28.26
CA LYS B 277 10.87 -6.61 28.49
C LYS B 277 11.05 -6.33 29.99
N GLN B 278 10.19 -6.92 30.81
CA GLN B 278 10.34 -6.81 32.26
C GLN B 278 11.66 -7.42 32.73
N THR B 279 12.07 -8.52 32.09
CA THR B 279 13.17 -9.33 32.59
C THR B 279 14.57 -8.95 32.08
N GLY B 280 14.66 -8.05 31.11
CA GLY B 280 15.97 -7.59 30.63
C GLY B 280 16.09 -7.14 29.18
N ARG B 281 15.23 -7.66 28.31
CA ARG B 281 15.21 -7.33 26.87
C ARG B 281 16.19 -8.16 26.04
N ASN B 282 16.16 -7.96 24.73
CA ASN B 282 17.00 -8.70 23.78
C ASN B 282 16.88 -10.20 24.04
N ARG B 283 15.68 -10.72 23.87
CA ARG B 283 15.40 -12.12 24.15
C ARG B 283 14.05 -12.51 23.57
N CYS B 284 13.90 -13.81 23.30
CA CYS B 284 12.66 -14.34 22.76
C CYS B 284 11.93 -15.12 23.83
N MET B 285 10.67 -14.75 24.07
CA MET B 285 9.84 -15.41 25.07
C MET B 285 8.82 -16.27 24.38
N PHE B 286 8.27 -17.23 25.11
CA PHE B 286 7.24 -18.12 24.59
C PHE B 286 6.17 -18.43 25.62
N ILE B 287 4.91 -18.39 25.20
CA ILE B 287 3.76 -18.68 26.08
C ILE B 287 3.11 -20.00 25.68
N ASP B 288 3.06 -20.94 26.62
CA ASP B 288 2.63 -22.31 26.33
C ASP B 288 1.11 -22.47 26.34
N GLU B 289 0.63 -23.70 26.09
CA GLU B 289 -0.79 -24.01 26.12
C GLU B 289 -1.42 -23.72 27.50
N GLN B 290 -0.61 -23.84 28.55
CA GLN B 290 -1.03 -23.51 29.92
C GLN B 290 -1.01 -22.01 30.23
N ASN B 291 -0.71 -21.19 29.24
CA ASN B 291 -0.58 -19.73 29.40
C ASN B 291 0.53 -19.35 30.41
N VAL B 292 1.61 -20.12 30.42
CA VAL B 292 2.79 -19.83 31.25
C VAL B 292 3.95 -19.44 30.34
N ILE B 293 4.67 -18.39 30.72
CA ILE B 293 5.73 -17.83 29.89
C ILE B 293 7.10 -18.36 30.28
N ASN B 294 7.94 -18.66 29.29
CA ASN B 294 9.31 -19.09 29.52
C ASN B 294 10.24 -18.54 28.46
N ARG B 295 11.42 -18.09 28.86
CA ARG B 295 12.40 -17.59 27.90
C ARG B 295 13.00 -18.76 27.14
N VAL B 296 13.35 -18.51 25.88
CA VAL B 296 14.01 -19.49 25.02
C VAL B 296 15.53 -19.33 25.07
N LEU B 297 16.26 -20.44 24.90
CA LEU B 297 17.72 -20.48 24.93
C LEU B 297 18.29 -20.98 23.60
ZN ZN C . -10.10 3.93 -30.20
O6 GAV D . -4.29 1.14 12.24
C6 GAV D . -4.45 0.66 13.36
C5 GAV D . -3.51 0.86 14.38
C4 GAV D . -3.72 0.30 15.63
N3 GAV D . -4.84 -0.42 15.87
C2 GAV D . -5.78 -0.62 14.88
N2 GAV D . -6.89 -1.33 15.12
N1 GAV D . -5.59 -0.08 13.63
N7 GAV D . -2.33 1.51 14.41
C8 GAV D . -1.78 1.40 15.64
N9 GAV D . -2.64 0.65 16.41
C1' GAV D . -2.44 0.25 17.81
C2' GAV D . -1.08 -0.39 18.03
O2' GAV D . -1.07 -1.78 17.78
C3' GAV D . -0.83 -0.15 19.50
O3' GAV D . -0.97 -1.35 20.23
O4' GAV D . -2.50 1.32 18.71
C4' GAV D . -1.89 0.87 19.90
C5' GAV D . -1.33 2.06 20.63
O5' GAV D . -0.35 1.65 21.56
PA GAV D . 0.40 2.76 22.44
S1A GAV D . 1.83 3.28 21.69
O2A GAV D . 0.66 2.27 23.84
O3A GAV D . -0.77 3.86 22.36
PB GAV D . -1.31 4.50 23.70
O1B GAV D . -1.68 3.42 24.69
O2B GAV D . -2.43 5.44 23.41
O3B GAV D . 0.05 5.20 24.10
PG GAV D . 0.08 6.62 24.80
O1G GAV D . -0.32 6.31 26.23
O3G GAV D . -0.92 7.55 24.18
O2G GAV D . 1.49 7.16 24.70
MG MG E . -1.11 7.35 22.34
O6 GAV F . -7.94 26.23 13.59
C6 GAV F . -7.52 27.39 13.64
C5 GAV F . -7.99 28.27 14.61
C4 GAV F . -7.54 29.57 14.69
N3 GAV F . -6.61 30.01 13.80
C2 GAV F . -6.12 29.14 12.83
N2 GAV F . -5.20 29.57 11.96
N1 GAV F . -6.57 27.85 12.75
N7 GAV F . -8.90 28.10 15.58
C8 GAV F . -9.02 29.25 16.29
N9 GAV F . -8.18 30.18 15.73
C1' GAV F . -8.04 31.58 16.20
C2' GAV F . -8.78 32.51 15.25
O2' GAV F . -8.09 33.72 15.12
C3' GAV F . -10.14 32.71 15.86
O3' GAV F . -10.58 34.06 15.75
O4' GAV F . -8.67 31.75 17.46
C4' GAV F . -9.97 32.31 17.32
C5' GAV F . -11.02 31.31 17.79
O5' GAV F . -12.16 31.95 18.32
PA GAV F . -13.20 31.15 19.25
S1A GAV F . -13.24 31.78 20.84
O2A GAV F . -12.87 29.68 19.25
O3A GAV F . -14.63 31.39 18.56
P1 C2E G . -13.42 25.36 6.78
O2P C2E G . -12.31 26.36 6.69
O1P C2E G . -13.21 23.94 6.30
O5' C2E G . -13.90 25.27 8.32
C5' C2E G . -14.33 24.01 8.81
C4' C2E G . -15.06 24.02 10.16
O4' C2E G . -14.15 24.03 11.27
C3' C2E G . -16.02 25.17 10.38
O3' C2E G . -17.30 24.91 9.78
C2' C2E G . -16.09 25.24 11.89
O2' C2E G . -17.06 24.32 12.40
C1' C2E G . -14.69 24.81 12.34
N9 C2E G . -13.79 25.97 12.56
C8 C2E G . -12.79 26.35 11.73
N7 C2E G . -12.15 27.44 12.21
C5 C2E G . -12.74 27.79 13.37
C6 C2E G . -12.54 28.87 14.38
O6 C2E G . -11.64 29.72 14.25
N1 C2E G . -13.36 28.89 15.43
C2 C2E G . -14.34 27.97 15.59
N2 C2E G . -15.12 28.06 16.69
N3 C2E G . -14.57 26.96 14.71
C4 C2E G . -13.81 26.83 13.60
P11 C2E G . -18.26 26.12 9.33
O21 C2E G . -18.41 27.05 10.51
O11 C2E G . -19.47 25.51 8.67
O5A C2E G . -17.40 26.88 8.23
C5A C2E G . -17.66 26.65 6.86
C4A C2E G . -16.66 27.43 6.02
O4A C2E G . -16.85 28.83 6.14
C3A C2E G . -15.24 27.19 6.47
O3A C2E G . -14.70 25.97 6.01
C2A C2E G . -14.53 28.40 5.91
O2A C2E G . -14.18 28.21 4.54
C1A C2E G . -15.58 29.49 6.06
N91 C2E G . -15.25 30.21 7.31
C81 C2E G . -15.84 30.09 8.50
N71 C2E G . -15.26 30.90 9.41
C51 C2E G . -14.25 31.54 8.80
C61 C2E G . -13.23 32.55 9.17
O61 C2E G . -13.17 33.00 10.33
N11 C2E G . -12.38 32.97 8.23
C21 C2E G . -12.43 32.51 6.96
N21 C2E G . -11.55 32.96 6.06
N31 C2E G . -13.34 31.58 6.55
C41 C2E G . -14.26 31.09 7.41
ZN ZN H . 0.23 -16.57 -25.22
O6 GAV I . 7.45 4.95 11.61
C6 GAV I . 8.07 5.52 12.51
C5 GAV I . 7.71 5.33 13.83
C4 GAV I . 8.40 5.98 14.83
N3 GAV I . 9.42 6.81 14.54
C2 GAV I . 9.77 7.01 13.22
N2 GAV I . 10.78 7.82 12.94
N1 GAV I . 9.10 6.37 12.21
N7 GAV I . 6.76 4.58 14.42
C8 GAV I . 6.84 4.75 15.76
N9 GAV I . 7.86 5.61 16.03
C1' GAV I . 8.31 6.12 17.33
C2' GAV I . 7.12 6.57 18.16
O2' GAV I . 6.79 7.93 17.90
C3' GAV I . 7.57 6.33 19.58
O3' GAV I . 7.94 7.54 20.23
O4' GAV I . 8.99 5.14 18.08
C4' GAV I . 8.76 5.39 19.46
C5' GAV I . 8.51 4.07 20.16
O5' GAV I . 8.09 4.31 21.50
PA GAV I . 8.25 3.18 22.62
S1A GAV I . 6.80 2.33 22.87
O2A GAV I . 8.72 3.79 23.91
O3A GAV I . 9.38 2.24 21.95
PB GAV I . 10.47 1.52 22.89
O1B GAV I . 11.22 2.56 23.67
O2B GAV I . 11.40 0.63 22.11
O3B GAV I . 9.49 0.69 23.85
PG GAV I . 10.07 -0.52 24.70
O1G GAV I . 11.16 0.05 25.57
O3G GAV I . 10.64 -1.57 23.78
O2G GAV I . 8.96 -1.10 25.55
MG MG J . 10.37 -1.24 22.17
O6 GAV K . 12.30 -19.89 10.61
C6 GAV K . 12.11 -21.10 10.65
C5 GAV K . 12.96 -21.92 11.39
C4 GAV K . 12.74 -23.29 11.43
N3 GAV K . 11.71 -23.83 10.74
C2 GAV K . 10.86 -23.03 10.00
N2 GAV K . 9.85 -23.57 9.33
N1 GAV K . 11.06 -21.66 9.94
N7 GAV K . 14.04 -21.65 12.15
C8 GAV K . 14.50 -22.81 12.68
N9 GAV K . 13.72 -23.84 12.23
C1' GAV K . 13.86 -25.28 12.55
C2' GAV K . 14.18 -26.10 11.29
O2' GAV K . 13.46 -27.31 11.27
C3' GAV K . 15.67 -26.38 11.34
O3' GAV K . 15.97 -27.76 11.18
O4' GAV K . 14.95 -25.49 13.43
C4' GAV K . 16.10 -25.85 12.70
C5' GAV K . 16.96 -24.62 12.53
O5' GAV K . 18.27 -25.04 12.29
PA GAV K . 19.42 -24.13 12.91
S1A GAV K . 19.43 -24.34 14.58
O2A GAV K . 19.17 -22.69 12.50
O3A GAV K . 20.75 -24.73 12.24
#